data_7ZM3
#
_entry.id   7ZM3
#
_cell.length_a   76.958
_cell.length_b   87.404
_cell.length_c   106.128
_cell.angle_alpha   90.000
_cell.angle_beta   90.000
_cell.angle_gamma   90.000
#
_symmetry.space_group_name_H-M   'P 2 2 21'
#
loop_
_entity.id
_entity.type
_entity.pdbx_description
1 polymer '4,5:9,10-diseco-3-hydroxy-5,9,17-trioxoandrosta-1(10),2-diene-4-oate hydrolase'
2 non-polymer 'hexadecyl dihydrogen phosphate'
3 non-polymer 'SULFATE ION'
4 water water
#
_entity_poly.entity_id   1
_entity_poly.type   'polypeptide(L)'
_entity_poly.pdbx_seq_one_letter_code
;MTATEELTFESTSRFAEVDVDGPLKLHYHEAGVGNDQTVVLLHGGGPGAASWTNFSRNIAVLARHFHVLAVDQPGYGHSD
KRAEHGQFNRYAAMALKGLFDQLGLGRVPLVGNSLGGGTAVRFALDYPARAGRLVLMGPGGLSINLFAPDPTEGVKRLSK
FSVAPTRENLEAFLRVMVYDKNLITPELVDQRFALASTPESLTATRAMGKSFAGADFEAGMMWREVYRLRQPVLLIWGRE
DRVNPLDGALVALKTIPRAQLHVFGQCGHWVQVEKFDEFNKLTIEFLGGGRKLHHHHHH
;
_entity_poly.pdbx_strand_id   A,B
#
# COMPACT_ATOMS: atom_id res chain seq x y z
N LEU A 7 21.33 18.94 -7.36
CA LEU A 7 19.85 19.15 -7.13
C LEU A 7 19.57 20.61 -6.80
N THR A 8 18.75 21.28 -7.60
CA THR A 8 18.32 22.69 -7.38
C THR A 8 16.79 22.75 -7.35
N PHE A 9 16.24 23.86 -6.86
CA PHE A 9 14.79 24.17 -6.93
C PHE A 9 14.32 24.01 -8.38
N GLU A 10 15.04 24.60 -9.34
CA GLU A 10 14.62 24.69 -10.76
C GLU A 10 14.76 23.33 -11.44
N SER A 11 15.83 22.57 -11.14
CA SER A 11 16.10 21.26 -11.79
C SER A 11 15.04 20.24 -11.35
N THR A 12 14.48 20.39 -10.15
CA THR A 12 13.55 19.41 -9.52
C THR A 12 12.10 19.84 -9.72
N SER A 13 11.86 21.09 -10.14
CA SER A 13 10.51 21.70 -10.24
C SER A 13 9.65 20.94 -11.24
N ARG A 14 8.39 20.67 -10.90
CA ARG A 14 7.41 20.01 -11.77
C ARG A 14 6.04 20.61 -11.47
N PHE A 15 5.16 20.60 -12.46
CA PHE A 15 3.73 20.96 -12.27
C PHE A 15 2.90 19.80 -12.80
N ALA A 16 1.71 19.67 -12.24
CA ALA A 16 0.64 18.76 -12.69
C ALA A 16 -0.66 19.53 -12.51
N GLU A 17 -1.67 19.19 -13.29
CA GLU A 17 -3.02 19.74 -13.13
C GLU A 17 -3.93 18.57 -12.75
N VAL A 18 -4.69 18.72 -11.68
CA VAL A 18 -5.59 17.66 -11.17
C VAL A 18 -6.98 18.31 -11.01
N ASP A 19 -8.03 17.51 -10.90
CA ASP A 19 -9.41 18.02 -10.79
C ASP A 19 -9.87 17.89 -9.34
N VAL A 20 -10.08 19.03 -8.67
CA VAL A 20 -10.60 19.09 -7.28
C VAL A 20 -11.68 20.18 -7.23
N ASP A 21 -12.93 19.83 -7.55
CA ASP A 21 -14.00 20.84 -7.80
C ASP A 21 -13.47 21.80 -8.88
N GLY A 22 -12.90 21.26 -9.98
CA GLY A 22 -12.33 22.03 -11.10
C GLY A 22 -10.81 21.96 -11.13
N PRO A 23 -10.16 22.43 -12.22
CA PRO A 23 -8.70 22.33 -12.36
C PRO A 23 -7.93 22.95 -11.18
N LEU A 24 -6.87 22.27 -10.76
CA LEU A 24 -5.99 22.64 -9.62
C LEU A 24 -4.55 22.39 -10.02
N LYS A 25 -3.77 23.47 -10.15
CA LYS A 25 -2.34 23.36 -10.45
C LYS A 25 -1.61 22.98 -9.16
N LEU A 26 -0.78 21.94 -9.22
CA LEU A 26 0.11 21.50 -8.11
C LEU A 26 1.54 21.62 -8.57
N HIS A 27 2.36 22.25 -7.75
CA HIS A 27 3.82 22.30 -7.91
C HIS A 27 4.46 21.22 -7.04
N TYR A 28 5.49 20.54 -7.51
CA TYR A 28 6.22 19.59 -6.64
C TYR A 28 7.66 19.52 -7.11
N HIS A 29 8.51 18.91 -6.28
CA HIS A 29 9.92 18.67 -6.58
C HIS A 29 10.13 17.17 -6.70
N GLU A 30 10.83 16.75 -7.75
CA GLU A 30 11.12 15.33 -8.03
C GLU A 30 12.63 15.15 -8.03
N ALA A 31 13.10 14.14 -7.30
CA ALA A 31 14.52 13.74 -7.23
C ALA A 31 14.63 12.24 -7.01
N GLY A 32 15.81 11.68 -7.27
CA GLY A 32 16.11 10.25 -7.10
C GLY A 32 15.34 9.40 -8.10
N VAL A 33 15.12 9.90 -9.31
CA VAL A 33 14.32 9.21 -10.37
C VAL A 33 14.86 7.79 -10.62
N GLY A 34 16.14 7.53 -10.39
CA GLY A 34 16.70 6.17 -10.53
C GLY A 34 16.13 5.15 -9.54
N ASN A 35 15.61 5.59 -8.39
CA ASN A 35 15.40 4.72 -7.21
C ASN A 35 13.99 4.12 -7.26
N ASP A 36 13.87 2.86 -6.83
CA ASP A 36 12.63 2.03 -6.94
C ASP A 36 11.55 2.53 -5.98
N GLN A 37 11.93 2.84 -4.73
CA GLN A 37 10.95 3.21 -3.67
C GLN A 37 10.61 4.71 -3.78
N THR A 38 9.35 5.03 -4.10
CA THR A 38 8.82 6.41 -4.09
C THR A 38 8.45 6.78 -2.64
N VAL A 39 8.72 8.02 -2.26
CA VAL A 39 8.26 8.61 -0.97
CA VAL A 39 8.23 8.60 -0.97
C VAL A 39 7.71 10.01 -1.24
N VAL A 40 6.58 10.36 -0.65
CA VAL A 40 5.97 11.69 -0.81
C VAL A 40 6.24 12.49 0.48
N LEU A 41 6.70 13.73 0.34
CA LEU A 41 7.03 14.67 1.44
C LEU A 41 6.01 15.79 1.42
N LEU A 42 5.39 16.05 2.58
CA LEU A 42 4.36 17.09 2.77
C LEU A 42 4.80 18.06 3.88
N HIS A 43 4.99 19.33 3.51
CA HIS A 43 5.60 20.38 4.36
C HIS A 43 4.63 20.91 5.41
N GLY A 44 5.18 21.66 6.35
CA GLY A 44 4.42 22.36 7.40
C GLY A 44 3.69 23.57 6.84
N GLY A 45 2.75 24.14 7.60
CA GLY A 45 1.75 25.07 7.07
C GLY A 45 1.93 26.51 7.56
N GLY A 46 3.10 26.87 8.09
CA GLY A 46 3.36 28.26 8.51
C GLY A 46 3.31 29.23 7.32
N PRO A 47 2.91 30.49 7.51
CA PRO A 47 2.92 31.46 6.40
C PRO A 47 4.25 31.48 5.64
N GLY A 48 4.17 31.34 4.31
CA GLY A 48 5.33 31.36 3.41
C GLY A 48 6.03 30.03 3.26
N ALA A 49 5.56 28.98 3.94
CA ALA A 49 6.22 27.65 3.86
C ALA A 49 6.02 27.11 2.45
N ALA A 50 6.94 26.27 2.01
CA ALA A 50 6.83 25.50 0.74
C ALA A 50 7.72 24.27 0.86
N SER A 51 7.69 23.38 -0.12
CA SER A 51 8.36 22.06 -0.05
C SER A 51 9.87 22.24 0.04
N TRP A 52 10.46 23.01 -0.87
CA TRP A 52 11.93 23.09 -1.02
C TRP A 52 12.57 23.67 0.25
N THR A 53 12.01 24.72 0.83
CA THR A 53 12.55 25.37 2.04
C THR A 53 12.26 24.54 3.30
N ASN A 54 11.10 23.90 3.40
CA ASN A 54 10.72 23.03 4.56
C ASN A 54 11.69 21.85 4.67
N PHE A 55 12.08 21.28 3.53
CA PHE A 55 12.89 20.03 3.50
C PHE A 55 14.28 20.27 2.91
N SER A 56 14.80 21.51 2.95
CA SER A 56 16.14 21.85 2.39
C SER A 56 17.24 20.98 3.00
N ARG A 57 17.15 20.58 4.27
CA ARG A 57 18.20 19.73 4.90
C ARG A 57 17.92 18.22 4.68
N ASN A 58 16.86 17.86 3.96
CA ASN A 58 16.43 16.45 3.87
C ASN A 58 16.42 15.93 2.42
N ILE A 59 16.03 16.74 1.42
CA ILE A 59 15.65 16.22 0.07
C ILE A 59 16.86 15.54 -0.58
N ALA A 60 18.05 16.15 -0.52
CA ALA A 60 19.27 15.60 -1.15
C ALA A 60 19.66 14.25 -0.56
N VAL A 61 19.60 14.15 0.77
CA VAL A 61 19.97 12.92 1.50
C VAL A 61 18.93 11.84 1.17
N LEU A 62 17.63 12.16 1.24
CA LEU A 62 16.56 11.16 0.97
C LEU A 62 16.63 10.70 -0.49
N ALA A 63 16.92 11.60 -1.42
CA ALA A 63 16.98 11.32 -2.88
C ALA A 63 18.16 10.40 -3.22
N ARG A 64 19.09 10.16 -2.30
CA ARG A 64 20.14 9.13 -2.53
C ARG A 64 19.52 7.74 -2.42
N HIS A 65 18.41 7.60 -1.69
CA HIS A 65 17.84 6.29 -1.31
C HIS A 65 16.49 6.06 -2.02
N PHE A 66 15.73 7.12 -2.24
CA PHE A 66 14.30 7.07 -2.64
C PHE A 66 14.06 7.98 -3.83
N HIS A 67 12.97 7.71 -4.55
CA HIS A 67 12.36 8.58 -5.56
C HIS A 67 11.47 9.55 -4.78
N VAL A 68 11.94 10.79 -4.61
CA VAL A 68 11.33 11.80 -3.72
C VAL A 68 10.34 12.65 -4.52
N LEU A 69 9.11 12.78 -4.03
CA LEU A 69 8.11 13.70 -4.56
C LEU A 69 7.74 14.64 -3.41
N ALA A 70 8.27 15.87 -3.40
CA ALA A 70 7.99 16.87 -2.35
C ALA A 70 6.94 17.84 -2.89
N VAL A 71 5.72 17.81 -2.35
CA VAL A 71 4.54 18.44 -3.00
C VAL A 71 4.20 19.73 -2.25
N ASP A 72 4.12 20.86 -2.96
CA ASP A 72 3.58 22.12 -2.40
C ASP A 72 2.09 21.89 -2.21
N GLN A 73 1.60 21.97 -0.98
CA GLN A 73 0.17 21.75 -0.73
C GLN A 73 -0.58 22.94 -1.32
N PRO A 74 -1.85 22.71 -1.69
CA PRO A 74 -2.73 23.77 -2.18
C PRO A 74 -2.66 24.92 -1.17
N GLY A 75 -2.47 26.14 -1.66
CA GLY A 75 -2.39 27.32 -0.79
C GLY A 75 -0.95 27.73 -0.51
N TYR A 76 0.04 26.94 -0.95
CA TYR A 76 1.47 27.14 -0.59
C TYR A 76 2.35 27.09 -1.83
N GLY A 77 3.52 27.73 -1.75
CA GLY A 77 4.57 27.64 -2.79
C GLY A 77 4.01 28.08 -4.14
N HIS A 78 4.19 27.24 -5.17
CA HIS A 78 3.69 27.50 -6.55
C HIS A 78 2.44 26.67 -6.87
N SER A 79 1.78 26.03 -5.90
CA SER A 79 0.45 25.41 -6.13
C SER A 79 -0.61 26.50 -6.11
N ASP A 80 -1.79 26.23 -6.68
CA ASP A 80 -2.92 27.19 -6.75
C ASP A 80 -3.32 27.59 -5.33
N LYS A 81 -3.75 28.85 -5.18
CA LYS A 81 -4.12 29.45 -3.89
C LYS A 81 -5.55 29.96 -4.01
N ARG A 82 -6.52 29.04 -3.96
CA ARG A 82 -7.97 29.37 -4.06
C ARG A 82 -8.36 30.09 -2.78
N ALA A 83 -9.34 30.98 -2.86
CA ALA A 83 -9.87 31.76 -1.73
C ALA A 83 -10.88 30.92 -0.96
N GLU A 84 -11.38 29.84 -1.57
CA GLU A 84 -12.46 29.02 -0.98
C GLU A 84 -12.14 27.53 -1.16
N HIS A 85 -12.35 26.74 -0.10
CA HIS A 85 -12.15 25.27 -0.08
C HIS A 85 -12.76 24.71 1.21
N GLY A 86 -12.96 23.39 1.29
CA GLY A 86 -13.47 22.76 2.52
C GLY A 86 -12.35 22.51 3.51
N GLN A 87 -12.60 21.62 4.48
CA GLN A 87 -11.61 21.20 5.50
C GLN A 87 -10.25 20.99 4.83
N PHE A 88 -9.20 21.67 5.32
CA PHE A 88 -7.94 21.80 4.52
C PHE A 88 -7.33 20.43 4.25
N ASN A 89 -7.17 19.61 5.29
CA ASN A 89 -6.43 18.33 5.11
C ASN A 89 -7.16 17.43 4.09
N ARG A 90 -8.49 17.39 4.11
CA ARG A 90 -9.26 16.60 3.11
C ARG A 90 -9.07 17.19 1.71
N TYR A 91 -9.08 18.52 1.58
CA TYR A 91 -8.83 19.24 0.32
C TYR A 91 -7.46 18.83 -0.21
N ALA A 92 -6.43 18.94 0.63
CA ALA A 92 -5.04 18.64 0.20
C ALA A 92 -4.93 17.16 -0.14
N ALA A 93 -5.57 16.29 0.67
CA ALA A 93 -5.54 14.82 0.44
C ALA A 93 -6.19 14.51 -0.92
N MET A 94 -7.30 15.16 -1.27
CA MET A 94 -7.97 14.91 -2.59
C MET A 94 -7.03 15.30 -3.72
N ALA A 95 -6.33 16.44 -3.59
CA ALA A 95 -5.34 16.91 -4.58
C ALA A 95 -4.23 15.88 -4.75
N LEU A 96 -3.68 15.40 -3.64
CA LEU A 96 -2.58 14.41 -3.66
C LEU A 96 -3.06 13.13 -4.35
N LYS A 97 -4.28 12.70 -4.03
CA LYS A 97 -4.84 11.48 -4.63
C LYS A 97 -4.97 11.67 -6.15
N GLY A 98 -5.38 12.85 -6.60
CA GLY A 98 -5.41 13.20 -8.05
C GLY A 98 -4.03 13.04 -8.65
N LEU A 99 -2.99 13.52 -7.94
CA LEU A 99 -1.58 13.41 -8.41
C LEU A 99 -1.13 11.93 -8.44
N PHE A 100 -1.42 11.15 -7.40
CA PHE A 100 -1.06 9.70 -7.38
C PHE A 100 -1.62 9.02 -8.66
N ASP A 101 -2.88 9.28 -8.98
CA ASP A 101 -3.57 8.67 -10.16
C ASP A 101 -2.86 9.11 -11.44
N GLN A 102 -2.56 10.40 -11.56
CA GLN A 102 -1.88 10.92 -12.78
C GLN A 102 -0.49 10.29 -12.93
N LEU A 103 0.27 10.14 -11.84
CA LEU A 103 1.65 9.59 -11.89
C LEU A 103 1.65 8.05 -11.91
N GLY A 104 0.50 7.41 -11.81
CA GLY A 104 0.37 5.95 -11.81
C GLY A 104 0.91 5.29 -10.55
N LEU A 105 0.81 5.94 -9.39
CA LEU A 105 1.32 5.39 -8.11
C LEU A 105 0.27 4.45 -7.52
N GLY A 106 0.73 3.40 -6.84
CA GLY A 106 -0.10 2.44 -6.08
C GLY A 106 -0.08 2.83 -4.62
N ARG A 107 0.73 2.13 -3.83
CA ARG A 107 0.84 2.31 -2.37
C ARG A 107 2.23 2.88 -2.10
N VAL A 108 2.29 4.04 -1.45
CA VAL A 108 3.52 4.87 -1.32
C VAL A 108 3.61 5.39 0.11
N PRO A 109 4.76 5.29 0.78
CA PRO A 109 4.93 5.92 2.10
C PRO A 109 4.92 7.45 2.00
N LEU A 110 4.45 8.11 3.07
CA LEU A 110 4.33 9.58 3.17
C LEU A 110 5.10 10.06 4.40
N VAL A 111 5.75 11.20 4.26
CA VAL A 111 6.48 11.94 5.34
C VAL A 111 5.84 13.33 5.46
N GLY A 112 5.35 13.73 6.62
CA GLY A 112 4.67 15.03 6.74
C GLY A 112 4.94 15.68 8.07
N ASN A 113 5.30 16.96 8.07
CA ASN A 113 5.38 17.74 9.32
C ASN A 113 4.17 18.65 9.45
N SER A 114 3.70 18.73 10.69
CA SER A 114 2.65 19.68 11.13
C SER A 114 1.43 19.54 10.18
N LEU A 115 1.03 20.58 9.46
CA LEU A 115 -0.14 20.52 8.53
C LEU A 115 0.04 19.38 7.53
N GLY A 116 1.24 19.19 7.01
CA GLY A 116 1.54 18.10 6.07
C GLY A 116 1.34 16.74 6.74
N GLY A 117 1.64 16.61 8.03
CA GLY A 117 1.37 15.37 8.79
C GLY A 117 -0.13 15.14 8.83
N GLY A 118 -0.90 16.20 9.07
CA GLY A 118 -2.37 16.16 9.02
C GLY A 118 -2.87 15.70 7.65
N THR A 119 -2.28 16.22 6.58
CA THR A 119 -2.67 15.81 5.21
C THR A 119 -2.33 14.32 5.00
N ALA A 120 -1.14 13.90 5.39
CA ALA A 120 -0.67 12.49 5.25
C ALA A 120 -1.67 11.56 5.93
N VAL A 121 -2.13 11.93 7.14
CA VAL A 121 -3.04 11.05 7.91
C VAL A 121 -4.41 11.03 7.22
N ARG A 122 -4.92 12.19 6.78
CA ARG A 122 -6.26 12.28 6.17
C ARG A 122 -6.24 11.43 4.90
N PHE A 123 -5.14 11.50 4.16
CA PHE A 123 -4.89 10.72 2.94
C PHE A 123 -4.90 9.22 3.27
N ALA A 124 -4.20 8.81 4.33
CA ALA A 124 -4.08 7.40 4.74
C ALA A 124 -5.45 6.86 5.25
N LEU A 125 -6.30 7.72 5.78
CA LEU A 125 -7.66 7.33 6.27
C LEU A 125 -8.66 7.28 5.09
N ASP A 126 -8.61 8.21 4.16
CA ASP A 126 -9.60 8.37 3.06
C ASP A 126 -9.27 7.41 1.90
N TYR A 127 -7.99 7.15 1.65
CA TYR A 127 -7.45 6.27 0.57
C TYR A 127 -6.50 5.23 1.15
N PRO A 128 -7.00 4.34 2.01
CA PRO A 128 -6.15 3.52 2.87
C PRO A 128 -5.17 2.64 2.06
N ALA A 129 -5.56 2.19 0.87
CA ALA A 129 -4.74 1.28 0.07
C ALA A 129 -3.60 2.05 -0.62
N ARG A 130 -3.63 3.37 -0.65
CA ARG A 130 -2.61 4.20 -1.37
C ARG A 130 -1.46 4.63 -0.43
N ALA A 131 -1.64 4.57 0.90
CA ALA A 131 -0.61 5.05 1.83
C ALA A 131 0.13 3.86 2.46
N GLY A 132 1.43 3.80 2.30
CA GLY A 132 2.30 2.85 3.01
C GLY A 132 2.67 3.38 4.39
N ARG A 133 3.88 3.09 4.83
CA ARG A 133 4.43 3.62 6.11
C ARG A 133 4.30 5.15 6.16
N LEU A 134 3.98 5.70 7.33
CA LEU A 134 3.90 7.16 7.60
C LEU A 134 5.01 7.59 8.55
N VAL A 135 5.68 8.69 8.24
CA VAL A 135 6.61 9.40 9.16
C VAL A 135 6.00 10.78 9.40
N LEU A 136 5.63 11.09 10.65
CA LEU A 136 4.82 12.27 10.97
C LEU A 136 5.54 13.08 12.03
N MET A 137 5.94 14.30 11.71
CA MET A 137 6.74 15.14 12.65
C MET A 137 5.85 16.25 13.22
N GLY A 138 5.67 16.29 14.54
CA GLY A 138 4.83 17.32 15.20
C GLY A 138 3.51 17.49 14.45
N PRO A 139 2.86 16.38 14.06
CA PRO A 139 1.71 16.43 13.17
C PRO A 139 0.45 17.09 13.75
N GLY A 140 -0.24 17.83 12.89
CA GLY A 140 -1.62 18.26 13.09
C GLY A 140 -2.59 17.10 12.91
N GLY A 141 -3.85 17.32 13.29
CA GLY A 141 -4.95 16.41 12.97
C GLY A 141 -5.03 15.20 13.89
N LEU A 142 -4.02 14.36 13.98
CA LEU A 142 -4.11 13.20 14.90
C LEU A 142 -3.65 13.60 16.29
N SER A 143 -3.19 14.83 16.46
CA SER A 143 -2.72 15.37 17.75
C SER A 143 -3.93 15.93 18.48
N ILE A 144 -3.99 15.67 19.77
CA ILE A 144 -5.00 16.28 20.65
C ILE A 144 -4.25 16.56 21.95
N ASN A 145 -4.15 17.82 22.34
CA ASN A 145 -3.28 18.29 23.45
C ASN A 145 -4.00 17.99 24.76
N LEU A 146 -3.77 16.82 25.34
CA LEU A 146 -4.57 16.41 26.54
C LEU A 146 -4.28 17.34 27.72
N PHE A 147 -3.13 18.00 27.80
CA PHE A 147 -2.81 18.87 28.97
C PHE A 147 -2.79 20.34 28.53
N ALA A 148 -2.26 20.66 27.37
CA ALA A 148 -2.04 22.08 26.96
C ALA A 148 -3.38 22.73 26.63
N PRO A 149 -3.71 23.88 27.27
CA PRO A 149 -4.87 24.65 26.84
C PRO A 149 -4.74 25.10 25.38
N ASP A 150 -5.81 24.96 24.60
CA ASP A 150 -5.90 25.40 23.18
C ASP A 150 -6.67 26.72 23.11
N PRO A 151 -6.27 27.66 22.24
CA PRO A 151 -5.08 27.51 21.39
C PRO A 151 -3.75 27.64 22.16
N THR A 152 -2.73 26.93 21.70
CA THR A 152 -1.37 26.97 22.23
C THR A 152 -0.74 28.32 21.86
N GLU A 153 0.35 28.61 22.56
CA GLU A 153 1.20 29.81 22.34
C GLU A 153 1.52 29.87 20.85
N GLY A 154 1.94 28.76 20.25
CA GLY A 154 2.26 28.70 18.81
C GLY A 154 1.10 29.04 17.89
N VAL A 155 -0.07 28.46 18.13
CA VAL A 155 -1.28 28.69 17.31
C VAL A 155 -1.69 30.17 17.49
N LYS A 156 -1.59 30.72 18.70
CA LYS A 156 -2.00 32.13 18.94
C LYS A 156 -1.09 33.09 18.14
N ARG A 157 0.20 32.81 18.06
CA ARG A 157 1.11 33.69 17.28
C ARG A 157 0.80 33.58 15.79
N LEU A 158 0.43 32.41 15.29
CA LEU A 158 -0.01 32.24 13.88
C LEU A 158 -1.26 33.07 13.67
N SER A 159 -2.24 32.97 14.57
CA SER A 159 -3.49 33.74 14.44
C SER A 159 -3.22 35.25 14.43
N LYS A 160 -2.28 35.72 15.25
CA LYS A 160 -1.94 37.16 15.35
C LYS A 160 -1.40 37.63 13.99
N PHE A 161 -0.56 36.84 13.34
CA PHE A 161 -0.05 37.17 11.99
C PHE A 161 -1.19 37.25 10.97
N SER A 162 -2.15 36.32 11.02
CA SER A 162 -3.31 36.30 10.08
C SER A 162 -4.07 37.63 10.18
N VAL A 163 -4.27 38.14 11.38
CA VAL A 163 -4.98 39.42 11.64
C VAL A 163 -4.08 40.61 11.29
N ALA A 164 -2.79 40.58 11.63
CA ALA A 164 -1.82 41.69 11.46
C ALA A 164 -0.55 41.16 10.79
N PRO A 165 -0.59 40.93 9.45
CA PRO A 165 0.53 40.30 8.75
C PRO A 165 1.74 41.22 8.62
N THR A 166 2.45 41.45 9.72
CA THR A 166 3.69 42.27 9.75
C THR A 166 4.91 41.35 9.86
N ARG A 167 6.08 41.87 9.48
CA ARG A 167 7.36 41.16 9.63
C ARG A 167 7.57 40.81 11.12
N GLU A 168 7.23 41.71 12.03
CA GLU A 168 7.39 41.49 13.49
C GLU A 168 6.52 40.30 13.95
N ASN A 169 5.27 40.22 13.50
CA ASN A 169 4.38 39.10 13.88
C ASN A 169 4.89 37.80 13.24
N LEU A 170 5.49 37.86 12.05
CA LEU A 170 6.02 36.63 11.42
C LEU A 170 7.25 36.16 12.20
N GLU A 171 8.17 37.06 12.55
CA GLU A 171 9.38 36.67 13.31
C GLU A 171 8.93 36.07 14.64
N ALA A 172 7.91 36.62 15.30
CA ALA A 172 7.44 36.10 16.60
C ALA A 172 6.95 34.64 16.44
N PHE A 173 6.19 34.35 15.40
CA PHE A 173 5.65 32.99 15.15
C PHE A 173 6.84 32.06 14.86
N LEU A 174 7.79 32.46 14.04
CA LEU A 174 8.95 31.60 13.68
C LEU A 174 9.77 31.26 14.94
N ARG A 175 9.96 32.22 15.85
CA ARG A 175 10.77 31.99 17.06
C ARG A 175 10.13 30.92 17.96
N VAL A 176 8.80 30.79 18.02
CA VAL A 176 8.20 29.72 18.88
C VAL A 176 8.15 28.39 18.11
N MET A 177 8.69 28.33 16.91
CA MET A 177 8.70 27.05 16.17
C MET A 177 10.00 26.27 16.35
N VAL A 178 11.01 26.85 16.98
CA VAL A 178 12.35 26.21 17.12
C VAL A 178 12.87 26.38 18.54
N TYR A 179 13.71 25.44 18.97
CA TYR A 179 14.35 25.50 20.30
C TYR A 179 15.52 26.49 20.20
N ASP A 180 16.32 26.38 19.16
CA ASP A 180 17.52 27.23 18.94
C ASP A 180 17.09 28.43 18.10
N LYS A 181 16.78 29.53 18.77
CA LYS A 181 16.19 30.75 18.15
C LYS A 181 17.17 31.36 17.15
N ASN A 182 18.45 31.02 17.20
CA ASN A 182 19.42 31.50 16.19
C ASN A 182 19.12 30.89 14.81
N LEU A 183 18.28 29.86 14.68
CA LEU A 183 17.92 29.35 13.33
C LEU A 183 17.06 30.40 12.62
N ILE A 184 16.42 31.29 13.35
CA ILE A 184 15.51 32.31 12.76
C ILE A 184 16.38 33.52 12.42
N THR A 185 17.12 33.38 11.34
CA THR A 185 18.06 34.39 10.81
C THR A 185 17.26 35.51 10.15
N PRO A 186 17.83 36.73 10.06
CA PRO A 186 17.22 37.81 9.27
C PRO A 186 16.89 37.42 7.83
N GLU A 187 17.77 36.63 7.18
CA GLU A 187 17.57 36.14 5.80
C GLU A 187 16.32 35.24 5.73
N LEU A 188 16.16 34.35 6.71
CA LEU A 188 15.02 33.41 6.71
C LEU A 188 13.74 34.22 6.90
N VAL A 189 13.74 35.15 7.85
CA VAL A 189 12.54 35.99 8.13
C VAL A 189 12.19 36.77 6.87
N ASP A 190 13.17 37.36 6.19
CA ASP A 190 12.91 38.22 4.99
C ASP A 190 12.32 37.35 3.88
N GLN A 191 12.88 36.16 3.66
CA GLN A 191 12.42 35.26 2.57
C GLN A 191 10.99 34.76 2.87
N ARG A 192 10.70 34.31 4.09
CA ARG A 192 9.36 33.76 4.44
C ARG A 192 8.35 34.90 4.34
N PHE A 193 8.72 36.10 4.80
CA PHE A 193 7.79 37.24 4.88
C PHE A 193 7.41 37.71 3.46
N ALA A 194 8.37 37.72 2.55
CA ALA A 194 8.16 38.14 1.15
C ALA A 194 7.11 37.21 0.50
N LEU A 195 7.18 35.91 0.78
CA LEU A 195 6.21 34.92 0.25
C LEU A 195 4.90 35.02 1.00
N ALA A 196 4.92 35.15 2.33
CA ALA A 196 3.70 35.14 3.18
C ALA A 196 2.81 36.37 2.93
N SER A 197 3.38 37.51 2.53
CA SER A 197 2.67 38.81 2.59
C SER A 197 1.91 39.09 1.29
N THR A 198 2.14 38.29 0.23
CA THR A 198 1.45 38.46 -1.08
C THR A 198 -0.04 38.32 -0.86
N PRO A 199 -0.87 39.06 -1.62
CA PRO A 199 -2.32 38.99 -1.44
C PRO A 199 -2.82 37.55 -1.65
N GLU A 200 -2.24 36.83 -2.61
CA GLU A 200 -2.59 35.42 -2.98
C GLU A 200 -2.30 34.50 -1.77
N SER A 201 -1.13 34.63 -1.15
CA SER A 201 -0.74 33.85 0.06
C SER A 201 -1.64 34.23 1.22
N LEU A 202 -1.91 35.52 1.47
CA LEU A 202 -2.72 35.90 2.66
C LEU A 202 -4.13 35.32 2.51
N THR A 203 -4.67 35.40 1.31
CA THR A 203 -5.98 34.83 0.91
C THR A 203 -6.02 33.34 1.28
N ALA A 204 -5.02 32.57 0.85
CA ALA A 204 -4.90 31.12 1.15
C ALA A 204 -4.81 30.92 2.67
N THR A 205 -3.92 31.66 3.33
CA THR A 205 -3.65 31.61 4.79
C THR A 205 -4.96 31.73 5.57
N ARG A 206 -5.81 32.68 5.22
CA ARG A 206 -7.08 32.91 5.95
C ARG A 206 -8.09 31.82 5.58
N ALA A 207 -8.26 31.53 4.27
CA ALA A 207 -9.13 30.45 3.75
C ALA A 207 -8.88 29.21 4.60
N MET A 208 -7.60 28.89 4.85
CA MET A 208 -7.19 27.67 5.55
C MET A 208 -7.64 27.72 7.00
N GLY A 209 -7.47 28.87 7.66
CA GLY A 209 -7.99 29.12 9.01
C GLY A 209 -9.47 28.75 9.09
N LYS A 210 -10.31 29.49 8.35
CA LYS A 210 -11.78 29.33 8.31
C LYS A 210 -12.18 27.87 8.09
N SER A 211 -11.34 27.08 7.40
CA SER A 211 -11.61 25.69 6.94
C SER A 211 -11.70 24.69 8.12
N PHE A 212 -11.16 25.01 9.30
CA PHE A 212 -11.01 24.05 10.42
C PHE A 212 -12.18 24.15 11.42
N ALA A 213 -13.04 25.17 11.28
CA ALA A 213 -14.25 25.36 12.12
C ALA A 213 -15.52 25.22 11.25
N GLY A 214 -16.62 24.78 11.86
CA GLY A 214 -17.95 24.64 11.22
C GLY A 214 -18.21 23.23 10.75
N ALA A 215 -18.90 23.07 9.62
CA ALA A 215 -19.19 21.77 8.99
C ALA A 215 -17.87 21.06 8.66
N ASP A 216 -17.81 19.75 8.86
CA ASP A 216 -16.60 18.91 8.61
C ASP A 216 -15.49 19.28 9.60
N PHE A 217 -15.78 19.82 10.80
CA PHE A 217 -14.75 19.90 11.89
C PHE A 217 -14.31 18.48 12.27
N GLU A 218 -15.22 17.49 12.18
CA GLU A 218 -14.92 16.09 12.59
C GLU A 218 -13.78 15.55 11.73
N ALA A 219 -13.70 15.96 10.48
CA ALA A 219 -12.62 15.54 9.56
C ALA A 219 -11.24 15.96 10.10
N GLY A 220 -11.18 17.01 10.91
CA GLY A 220 -9.93 17.47 11.53
C GLY A 220 -9.60 16.72 12.83
N MET A 221 -10.55 15.98 13.41
CA MET A 221 -10.35 15.27 14.70
C MET A 221 -9.86 13.85 14.41
N MET A 222 -8.70 13.73 13.77
CA MET A 222 -8.21 12.43 13.25
C MET A 222 -7.71 11.51 14.37
N TRP A 223 -7.47 12.02 15.58
CA TRP A 223 -7.19 11.19 16.78
C TRP A 223 -8.34 10.21 17.03
N ARG A 224 -9.54 10.50 16.52
CA ARG A 224 -10.72 9.60 16.67
C ARG A 224 -10.62 8.42 15.71
N GLU A 225 -9.73 8.45 14.73
CA GLU A 225 -9.85 7.55 13.56
C GLU A 225 -8.58 6.73 13.35
N VAL A 226 -7.46 7.16 13.90
CA VAL A 226 -6.13 6.54 13.56
C VAL A 226 -6.00 5.11 14.14
N TYR A 227 -6.90 4.67 15.04
CA TYR A 227 -6.96 3.25 15.45
C TYR A 227 -7.12 2.34 14.23
N ARG A 228 -7.60 2.87 13.09
CA ARG A 228 -7.89 2.08 11.89
C ARG A 228 -6.65 1.98 11.02
N LEU A 229 -5.57 2.72 11.30
CA LEU A 229 -4.37 2.66 10.43
C LEU A 229 -3.67 1.30 10.67
N ARG A 230 -3.29 0.60 9.60
CA ARG A 230 -2.73 -0.77 9.71
C ARG A 230 -1.23 -0.77 9.40
N GLN A 231 -0.72 0.32 8.84
CA GLN A 231 0.72 0.42 8.52
C GLN A 231 1.54 0.83 9.74
N PRO A 232 2.86 0.54 9.73
CA PRO A 232 3.78 1.15 10.70
C PRO A 232 3.75 2.67 10.56
N VAL A 233 3.73 3.37 11.69
CA VAL A 233 3.69 4.86 11.78
C VAL A 233 4.77 5.30 12.77
N LEU A 234 5.74 6.10 12.30
CA LEU A 234 6.79 6.70 13.15
C LEU A 234 6.38 8.14 13.46
N LEU A 235 5.89 8.38 14.67
CA LEU A 235 5.70 9.73 15.18
C LEU A 235 7.04 10.29 15.64
N ILE A 236 7.37 11.50 15.25
CA ILE A 236 8.61 12.20 15.68
C ILE A 236 8.19 13.55 16.26
N TRP A 237 8.67 13.85 17.46
CA TRP A 237 8.34 15.12 18.16
C TRP A 237 9.60 15.76 18.73
N GLY A 238 9.59 17.09 18.71
CA GLY A 238 10.46 17.89 19.55
C GLY A 238 9.86 18.04 20.93
N ARG A 239 10.60 17.68 21.97
CA ARG A 239 10.11 17.82 23.38
C ARG A 239 9.63 19.25 23.64
N GLU A 240 10.27 20.26 23.05
CA GLU A 240 9.94 21.69 23.28
C GLU A 240 9.03 22.27 22.19
N ASP A 241 8.31 21.44 21.43
CA ASP A 241 7.32 21.92 20.43
C ASP A 241 6.30 22.80 21.18
N ARG A 242 6.16 24.07 20.82
CA ARG A 242 5.19 24.99 21.45
C ARG A 242 3.97 25.23 20.53
N VAL A 243 3.91 24.60 19.36
CA VAL A 243 2.74 24.70 18.47
C VAL A 243 1.83 23.49 18.69
N ASN A 244 2.34 22.30 18.40
CA ASN A 244 1.71 21.00 18.69
C ASN A 244 2.51 20.28 19.76
N PRO A 245 2.25 20.54 21.04
CA PRO A 245 3.12 20.05 22.10
C PRO A 245 3.02 18.53 22.29
N LEU A 246 4.00 18.00 23.02
CA LEU A 246 4.28 16.56 23.13
C LEU A 246 3.05 15.79 23.65
N ASP A 247 2.26 16.39 24.55
CA ASP A 247 1.06 15.71 25.07
C ASP A 247 0.08 15.35 23.94
N GLY A 248 0.16 16.04 22.80
CA GLY A 248 -0.61 15.74 21.58
C GLY A 248 -0.27 14.40 20.95
N ALA A 249 0.83 13.76 21.33
CA ALA A 249 1.25 12.48 20.73
C ALA A 249 0.53 11.25 21.32
N LEU A 250 -0.09 11.36 22.49
CA LEU A 250 -0.43 10.19 23.32
C LEU A 250 -1.59 9.36 22.75
N VAL A 251 -2.67 9.97 22.23
CA VAL A 251 -3.80 9.16 21.68
C VAL A 251 -3.30 8.36 20.48
N ALA A 252 -2.55 9.01 19.60
CA ALA A 252 -1.98 8.36 18.40
C ALA A 252 -1.07 7.18 18.82
N LEU A 253 -0.14 7.41 19.74
CA LEU A 253 0.82 6.37 20.16
C LEU A 253 0.04 5.19 20.74
N LYS A 254 -0.99 5.46 21.54
CA LYS A 254 -1.78 4.37 22.17
C LYS A 254 -2.57 3.59 21.10
N THR A 255 -3.24 4.27 20.16
CA THR A 255 -4.35 3.66 19.34
C THR A 255 -3.85 3.12 18.01
N ILE A 256 -2.73 3.62 17.49
CA ILE A 256 -2.20 3.11 16.19
C ILE A 256 -1.45 1.82 16.49
N PRO A 257 -1.93 0.65 16.00
CA PRO A 257 -1.34 -0.62 16.37
C PRO A 257 0.18 -0.69 16.16
N ARG A 258 0.70 -0.26 15.01
CA ARG A 258 2.15 -0.43 14.70
C ARG A 258 2.88 0.92 14.84
N ALA A 259 2.47 1.73 15.80
CA ALA A 259 3.10 3.05 16.08
C ALA A 259 4.48 2.87 16.71
N GLN A 260 5.35 3.82 16.42
CA GLN A 260 6.55 4.16 17.20
C GLN A 260 6.55 5.67 17.45
N LEU A 261 7.25 6.09 18.50
CA LEU A 261 7.48 7.50 18.83
C LEU A 261 8.96 7.71 19.06
N HIS A 262 9.52 8.73 18.43
CA HIS A 262 10.84 9.29 18.81
C HIS A 262 10.65 10.73 19.28
N VAL A 263 11.11 11.03 20.50
CA VAL A 263 11.17 12.42 21.02
C VAL A 263 12.61 12.88 21.13
N PHE A 264 12.90 14.07 20.61
CA PHE A 264 14.20 14.74 20.72
C PHE A 264 14.12 15.85 21.76
N GLY A 265 14.89 15.73 22.84
CA GLY A 265 15.16 16.87 23.73
C GLY A 265 15.88 17.99 22.98
N GLN A 266 15.68 19.23 23.40
CA GLN A 266 16.33 20.44 22.83
C GLN A 266 15.95 20.56 21.35
N CYS A 267 14.66 20.53 21.07
CA CYS A 267 14.12 20.50 19.69
C CYS A 267 12.67 20.99 19.74
N GLY A 268 12.33 21.98 18.91
CA GLY A 268 10.93 22.41 18.83
C GLY A 268 10.14 21.75 17.71
N HIS A 269 9.39 22.56 16.96
CA HIS A 269 8.36 22.12 16.00
C HIS A 269 8.95 21.77 14.63
N TRP A 270 10.20 22.17 14.35
CA TRP A 270 10.84 21.89 13.03
C TRP A 270 11.87 20.77 13.15
N VAL A 271 11.43 19.57 13.50
CA VAL A 271 12.38 18.44 13.74
C VAL A 271 13.29 18.27 12.52
N GLN A 272 12.71 18.33 11.32
CA GLN A 272 13.45 18.00 10.06
C GLN A 272 14.57 19.03 9.84
N VAL A 273 14.45 20.21 10.42
CA VAL A 273 15.52 21.26 10.37
C VAL A 273 16.41 21.13 11.61
N GLU A 274 15.82 21.19 12.81
CA GLU A 274 16.60 21.31 14.08
C GLU A 274 17.41 20.03 14.35
N LYS A 275 16.90 18.85 13.95
CA LYS A 275 17.56 17.55 14.17
C LYS A 275 17.69 16.84 12.84
N PHE A 276 18.14 17.57 11.81
CA PHE A 276 18.06 17.10 10.41
C PHE A 276 18.78 15.75 10.26
N ASP A 277 19.95 15.58 10.85
CA ASP A 277 20.79 14.37 10.59
C ASP A 277 20.09 13.15 11.22
N GLU A 278 19.61 13.29 12.45
CA GLU A 278 18.96 12.21 13.21
C GLU A 278 17.63 11.87 12.52
N PHE A 279 16.87 12.88 12.13
CA PHE A 279 15.61 12.76 11.38
C PHE A 279 15.87 11.99 10.07
N ASN A 280 16.87 12.43 9.31
CA ASN A 280 17.20 11.76 8.02
C ASN A 280 17.47 10.27 8.27
N LYS A 281 18.30 9.93 9.24
CA LYS A 281 18.69 8.52 9.49
C LYS A 281 17.48 7.71 9.99
N LEU A 282 16.66 8.26 10.87
CA LEU A 282 15.43 7.55 11.32
C LEU A 282 14.52 7.24 10.12
N THR A 283 14.30 8.21 9.23
CA THR A 283 13.37 8.13 8.09
C THR A 283 13.91 7.10 7.09
N ILE A 284 15.21 7.14 6.82
CA ILE A 284 15.81 6.18 5.85
C ILE A 284 15.64 4.73 6.36
N GLU A 285 15.97 4.49 7.64
CA GLU A 285 15.87 3.14 8.26
C GLU A 285 14.40 2.71 8.29
N PHE A 286 13.50 3.57 8.73
CA PHE A 286 12.07 3.23 8.91
C PHE A 286 11.41 2.89 7.57
N LEU A 287 11.81 3.53 6.48
CA LEU A 287 11.18 3.31 5.17
C LEU A 287 11.93 2.20 4.40
N GLY A 288 12.87 1.52 5.05
CA GLY A 288 13.45 0.25 4.55
C GLY A 288 14.79 0.47 3.85
N GLY A 289 15.42 1.63 4.06
CA GLY A 289 16.81 1.90 3.61
C GLY A 289 16.85 2.26 2.14
N GLY A 290 15.80 1.91 1.39
CA GLY A 290 15.76 1.97 -0.08
C GLY A 290 17.02 1.41 -0.70
N LEU B 7 10.70 -31.78 -18.54
CA LEU B 7 10.54 -30.86 -17.37
C LEU B 7 10.15 -31.67 -16.14
N THR B 8 10.86 -31.49 -15.03
CA THR B 8 10.55 -32.17 -13.75
C THR B 8 10.54 -31.17 -12.62
N PHE B 9 9.96 -31.54 -11.48
CA PHE B 9 10.03 -30.77 -10.23
C PHE B 9 11.48 -30.35 -9.98
N GLU B 10 12.41 -31.31 -10.09
CA GLU B 10 13.84 -31.12 -9.71
C GLU B 10 14.53 -30.21 -10.74
N SER B 11 14.28 -30.42 -12.03
CA SER B 11 14.98 -29.71 -13.13
C SER B 11 14.60 -28.24 -13.13
N THR B 12 13.38 -27.91 -12.69
CA THR B 12 12.82 -26.53 -12.74
C THR B 12 12.97 -25.82 -11.40
N SER B 13 13.36 -26.53 -10.34
CA SER B 13 13.41 -26.02 -8.95
C SER B 13 14.46 -24.91 -8.83
N ARG B 14 14.07 -23.78 -8.26
CA ARG B 14 14.93 -22.60 -7.97
C ARG B 14 14.58 -22.04 -6.60
N PHE B 15 15.54 -21.38 -5.97
CA PHE B 15 15.36 -20.67 -4.67
C PHE B 15 15.87 -19.24 -4.79
N ALA B 16 15.25 -18.33 -4.08
CA ALA B 16 15.70 -16.95 -3.89
C ALA B 16 15.47 -16.57 -2.43
N GLU B 17 16.30 -15.69 -1.91
CA GLU B 17 16.13 -15.10 -0.57
C GLU B 17 15.73 -13.64 -0.79
N VAL B 18 14.61 -13.23 -0.21
CA VAL B 18 14.11 -11.83 -0.31
C VAL B 18 13.90 -11.34 1.11
N ASP B 19 13.57 -10.07 1.29
CA ASP B 19 13.41 -9.48 2.64
C ASP B 19 11.98 -8.95 2.81
N VAL B 20 11.27 -9.55 3.75
CA VAL B 20 9.93 -9.11 4.21
C VAL B 20 9.94 -9.26 5.74
N ASP B 21 10.19 -8.17 6.46
CA ASP B 21 10.42 -8.17 7.93
C ASP B 21 11.48 -9.23 8.26
N GLY B 22 12.57 -9.23 7.49
CA GLY B 22 13.68 -10.20 7.63
C GLY B 22 13.74 -11.19 6.48
N PRO B 23 14.78 -12.05 6.47
CA PRO B 23 15.01 -13.00 5.37
C PRO B 23 13.78 -13.89 5.17
N LEU B 24 13.44 -14.14 3.91
CA LEU B 24 12.34 -15.03 3.50
C LEU B 24 12.82 -15.82 2.28
N LYS B 25 12.95 -17.14 2.45
CA LYS B 25 13.29 -18.06 1.35
C LYS B 25 12.02 -18.32 0.53
N LEU B 26 12.09 -18.04 -0.78
CA LEU B 26 11.05 -18.37 -1.78
C LEU B 26 11.58 -19.49 -2.67
N HIS B 27 10.76 -20.51 -2.88
CA HIS B 27 10.97 -21.57 -3.88
C HIS B 27 10.09 -21.26 -5.10
N TYR B 28 10.60 -21.50 -6.30
CA TYR B 28 9.80 -21.34 -7.54
C TYR B 28 10.32 -22.35 -8.55
N HIS B 29 9.54 -22.51 -9.62
CA HIS B 29 9.86 -23.37 -10.79
C HIS B 29 10.05 -22.44 -11.99
N GLU B 30 11.10 -22.69 -12.77
CA GLU B 30 11.42 -21.88 -13.97
C GLU B 30 11.43 -22.84 -15.16
N ALA B 31 10.77 -22.44 -16.24
CA ALA B 31 10.75 -23.15 -17.54
C ALA B 31 10.58 -22.15 -18.68
N GLY B 32 10.91 -22.58 -19.90
CA GLY B 32 10.81 -21.74 -21.10
C GLY B 32 11.78 -20.57 -21.09
N VAL B 33 12.94 -20.74 -20.48
CA VAL B 33 13.98 -19.67 -20.44
C VAL B 33 14.33 -19.29 -21.87
N GLY B 34 14.47 -17.98 -22.13
CA GLY B 34 14.78 -17.43 -23.46
C GLY B 34 13.54 -17.10 -24.28
N ASN B 35 12.36 -17.56 -23.87
CA ASN B 35 11.09 -17.09 -24.48
C ASN B 35 10.99 -15.61 -24.11
N ASP B 36 10.51 -14.78 -25.04
CA ASP B 36 10.54 -13.30 -24.95
C ASP B 36 9.69 -12.84 -23.76
N GLN B 37 8.54 -13.48 -23.52
CA GLN B 37 7.56 -12.99 -22.50
C GLN B 37 7.60 -13.87 -21.25
N THR B 38 7.86 -13.24 -20.11
CA THR B 38 7.84 -13.84 -18.76
C THR B 38 6.39 -13.79 -18.25
N VAL B 39 5.95 -14.86 -17.62
CA VAL B 39 4.64 -14.92 -16.92
CA VAL B 39 4.64 -14.92 -16.92
C VAL B 39 4.87 -15.55 -15.55
N VAL B 40 4.18 -15.04 -14.52
CA VAL B 40 4.30 -15.57 -13.15
C VAL B 40 2.99 -16.29 -12.82
N LEU B 41 3.09 -17.52 -12.33
CA LEU B 41 1.94 -18.34 -11.90
C LEU B 41 1.92 -18.40 -10.38
N LEU B 42 0.74 -18.16 -9.79
CA LEU B 42 0.52 -18.19 -8.33
C LEU B 42 -0.60 -19.18 -8.03
N HIS B 43 -0.28 -20.23 -7.28
CA HIS B 43 -1.15 -21.40 -6.98
C HIS B 43 -2.21 -21.06 -5.92
N GLY B 44 -3.17 -21.96 -5.79
CA GLY B 44 -4.25 -21.86 -4.79
C GLY B 44 -3.78 -22.29 -3.42
N GLY B 45 -4.64 -22.12 -2.41
CA GLY B 45 -4.24 -22.17 -1.00
C GLY B 45 -4.74 -23.38 -0.22
N GLY B 46 -5.25 -24.44 -0.86
CA GLY B 46 -5.70 -25.64 -0.13
C GLY B 46 -4.52 -26.28 0.61
N PRO B 47 -4.73 -26.96 1.77
CA PRO B 47 -3.65 -27.66 2.48
C PRO B 47 -2.82 -28.59 1.57
N GLY B 48 -1.49 -28.46 1.66
CA GLY B 48 -0.53 -29.23 0.84
C GLY B 48 -0.37 -28.69 -0.57
N ALA B 49 -1.04 -27.60 -0.94
CA ALA B 49 -0.91 -27.03 -2.30
C ALA B 49 0.52 -26.54 -2.49
N ALA B 50 0.96 -26.49 -3.75
CA ALA B 50 2.25 -25.92 -4.17
C ALA B 50 2.21 -25.69 -5.69
N SER B 51 3.20 -24.97 -6.22
CA SER B 51 3.25 -24.55 -7.65
C SER B 51 3.18 -25.76 -8.58
N TRP B 52 4.08 -26.73 -8.37
CA TRP B 52 4.26 -27.83 -9.34
C TRP B 52 2.99 -28.68 -9.44
N THR B 53 2.40 -29.04 -8.31
CA THR B 53 1.20 -29.92 -8.29
C THR B 53 -0.02 -29.11 -8.76
N ASN B 54 -0.10 -27.83 -8.42
CA ASN B 54 -1.23 -26.95 -8.83
C ASN B 54 -1.24 -26.82 -10.36
N PHE B 55 -0.06 -26.71 -11.00
CA PHE B 55 0.03 -26.30 -12.42
C PHE B 55 0.72 -27.35 -13.30
N SER B 56 0.66 -28.61 -12.93
CA SER B 56 1.32 -29.76 -13.63
C SER B 56 0.74 -29.96 -15.03
N ARG B 57 -0.57 -29.78 -15.20
CA ARG B 57 -1.21 -29.87 -16.55
C ARG B 57 -1.03 -28.58 -17.35
N ASN B 58 -0.27 -27.60 -16.85
CA ASN B 58 -0.17 -26.26 -17.50
C ASN B 58 1.28 -25.83 -17.78
N ILE B 59 2.24 -26.09 -16.88
CA ILE B 59 3.59 -25.45 -16.97
C ILE B 59 4.27 -25.87 -18.29
N ALA B 60 4.29 -27.16 -18.58
CA ALA B 60 4.92 -27.71 -19.80
C ALA B 60 4.34 -27.01 -21.04
N VAL B 61 3.01 -26.86 -21.11
CA VAL B 61 2.33 -26.24 -22.28
C VAL B 61 2.67 -24.75 -22.34
N LEU B 62 2.52 -24.04 -21.23
CA LEU B 62 2.77 -22.58 -21.21
C LEU B 62 4.26 -22.32 -21.56
N ALA B 63 5.17 -23.17 -21.11
CA ALA B 63 6.63 -22.99 -21.29
C ALA B 63 7.03 -23.14 -22.77
N ARG B 64 6.14 -23.67 -23.62
CA ARG B 64 6.35 -23.65 -25.09
C ARG B 64 6.30 -22.20 -25.59
N HIS B 65 5.55 -21.31 -24.91
CA HIS B 65 5.25 -19.95 -25.42
C HIS B 65 5.91 -18.86 -24.57
N PHE B 66 6.06 -19.10 -23.27
CA PHE B 66 6.43 -18.08 -22.28
C PHE B 66 7.62 -18.56 -21.45
N HIS B 67 8.31 -17.61 -20.82
CA HIS B 67 9.26 -17.89 -19.73
C HIS B 67 8.41 -17.96 -18.45
N VAL B 68 8.22 -19.15 -17.91
CA VAL B 68 7.28 -19.39 -16.77
C VAL B 68 8.05 -19.36 -15.45
N LEU B 69 7.54 -18.57 -14.50
CA LEU B 69 8.00 -18.59 -13.09
C LEU B 69 6.77 -18.94 -12.26
N ALA B 70 6.77 -20.13 -11.67
CA ALA B 70 5.68 -20.63 -10.82
C ALA B 70 6.19 -20.59 -9.38
N VAL B 71 5.67 -19.67 -8.59
CA VAL B 71 6.24 -19.29 -7.27
C VAL B 71 5.43 -19.95 -6.17
N ASP B 72 6.07 -20.73 -5.30
CA ASP B 72 5.42 -21.25 -4.06
C ASP B 72 5.21 -20.05 -3.15
N GLN B 73 3.96 -19.73 -2.79
CA GLN B 73 3.72 -18.55 -1.95
C GLN B 73 4.22 -18.85 -0.53
N PRO B 74 4.52 -17.81 0.26
CA PRO B 74 4.98 -18.00 1.65
C PRO B 74 3.97 -18.88 2.40
N GLY B 75 4.42 -19.91 3.11
CA GLY B 75 3.54 -20.84 3.82
C GLY B 75 3.22 -22.08 3.01
N TYR B 76 3.73 -22.23 1.78
CA TYR B 76 3.40 -23.36 0.89
C TYR B 76 4.66 -23.94 0.23
N GLY B 77 4.59 -25.23 -0.10
CA GLY B 77 5.64 -25.95 -0.84
C GLY B 77 6.94 -25.84 -0.09
N HIS B 78 8.00 -25.37 -0.73
CA HIS B 78 9.36 -25.19 -0.13
C HIS B 78 9.64 -23.73 0.18
N SER B 79 8.66 -22.82 0.10
CA SER B 79 8.89 -21.43 0.58
C SER B 79 8.77 -21.47 2.10
N ASP B 80 9.32 -20.46 2.79
CA ASP B 80 9.35 -20.37 4.27
C ASP B 80 7.91 -20.42 4.82
N LYS B 81 7.74 -21.04 5.99
CA LYS B 81 6.44 -21.27 6.65
C LYS B 81 6.49 -20.64 8.03
N ARG B 82 6.40 -19.32 8.07
CA ARG B 82 6.44 -18.53 9.33
C ARG B 82 5.14 -18.78 10.12
N ALA B 83 5.21 -18.59 11.44
CA ALA B 83 4.10 -18.82 12.38
C ALA B 83 3.17 -17.61 12.42
N GLU B 84 3.63 -16.43 11.99
CA GLU B 84 2.85 -15.16 12.02
C GLU B 84 3.19 -14.27 10.82
N HIS B 85 2.19 -13.55 10.32
CA HIS B 85 2.28 -12.60 9.18
C HIS B 85 1.05 -11.71 9.19
N GLY B 86 1.04 -10.59 8.46
CA GLY B 86 -0.14 -9.71 8.31
C GLY B 86 -1.14 -10.31 7.33
N GLN B 87 -1.96 -9.47 6.69
CA GLN B 87 -2.97 -9.93 5.71
C GLN B 87 -2.22 -10.73 4.64
N PHE B 88 -2.66 -11.95 4.35
CA PHE B 88 -1.83 -12.92 3.62
C PHE B 88 -1.47 -12.36 2.24
N ASN B 89 -2.45 -11.82 1.50
CA ASN B 89 -2.20 -11.39 0.09
C ASN B 89 -1.14 -10.28 0.05
N ARG B 90 -1.18 -9.31 0.97
CA ARG B 90 -0.15 -8.23 0.99
C ARG B 90 1.21 -8.82 1.36
N TYR B 91 1.28 -9.73 2.35
CA TYR B 91 2.50 -10.48 2.75
C TYR B 91 3.09 -11.18 1.51
N ALA B 92 2.26 -11.96 0.80
CA ALA B 92 2.68 -12.67 -0.42
C ALA B 92 3.07 -11.67 -1.51
N ALA B 93 2.34 -10.56 -1.70
CA ALA B 93 2.66 -9.56 -2.74
C ALA B 93 4.02 -8.90 -2.44
N MET B 94 4.30 -8.63 -1.18
CA MET B 94 5.60 -8.04 -0.75
C MET B 94 6.74 -9.04 -1.03
N ALA B 95 6.52 -10.34 -0.78
CA ALA B 95 7.49 -11.40 -1.14
C ALA B 95 7.71 -11.41 -2.66
N LEU B 96 6.63 -11.42 -3.44
CA LEU B 96 6.71 -11.41 -4.92
C LEU B 96 7.46 -10.15 -5.42
N LYS B 97 7.24 -8.99 -4.81
CA LYS B 97 7.96 -7.76 -5.23
C LYS B 97 9.46 -7.93 -4.98
N GLY B 98 9.83 -8.52 -3.84
CA GLY B 98 11.24 -8.85 -3.53
C GLY B 98 11.83 -9.71 -4.62
N LEU B 99 11.09 -10.73 -5.07
CA LEU B 99 11.55 -11.66 -6.15
C LEU B 99 11.68 -10.90 -7.46
N PHE B 100 10.68 -10.09 -7.83
CA PHE B 100 10.71 -9.29 -9.09
C PHE B 100 11.99 -8.44 -9.13
N ASP B 101 12.25 -7.73 -8.03
CA ASP B 101 13.44 -6.86 -7.89
C ASP B 101 14.70 -7.71 -7.98
N GLN B 102 14.77 -8.83 -7.26
CA GLN B 102 15.96 -9.71 -7.23
C GLN B 102 16.22 -10.21 -8.66
N LEU B 103 15.19 -10.69 -9.37
CA LEU B 103 15.35 -11.29 -10.73
C LEU B 103 15.41 -10.19 -11.80
N GLY B 104 15.20 -8.91 -11.47
CA GLY B 104 15.23 -7.80 -12.43
C GLY B 104 14.03 -7.78 -13.38
N LEU B 105 12.84 -8.24 -12.96
CA LEU B 105 11.61 -8.23 -13.80
C LEU B 105 11.04 -6.81 -13.84
N GLY B 106 10.48 -6.41 -14.98
CA GLY B 106 9.83 -5.11 -15.20
C GLY B 106 8.32 -5.28 -15.00
N ARG B 107 7.56 -5.31 -16.08
CA ARG B 107 6.09 -5.47 -16.00
C ARG B 107 5.76 -6.85 -16.56
N VAL B 108 5.15 -7.71 -15.75
CA VAL B 108 4.98 -9.16 -16.04
C VAL B 108 3.50 -9.50 -15.87
N PRO B 109 2.87 -10.21 -16.82
CA PRO B 109 1.52 -10.73 -16.58
C PRO B 109 1.53 -11.79 -15.50
N LEU B 110 0.44 -11.87 -14.73
CA LEU B 110 0.28 -12.81 -13.60
C LEU B 110 -0.93 -13.70 -13.88
N VAL B 111 -0.78 -14.99 -13.58
CA VAL B 111 -1.85 -16.01 -13.63
C VAL B 111 -2.03 -16.53 -12.20
N GLY B 112 -3.22 -16.39 -11.62
CA GLY B 112 -3.40 -16.88 -10.25
C GLY B 112 -4.74 -17.54 -10.04
N ASN B 113 -4.76 -18.70 -9.39
CA ASN B 113 -6.02 -19.35 -8.96
C ASN B 113 -6.23 -19.16 -7.47
N SER B 114 -7.49 -18.89 -7.13
CA SER B 114 -7.97 -18.80 -5.73
C SER B 114 -7.06 -17.84 -4.94
N LEU B 115 -6.43 -18.28 -3.85
CA LEU B 115 -5.50 -17.46 -3.02
C LEU B 115 -4.47 -16.73 -3.88
N GLY B 116 -3.88 -17.43 -4.83
CA GLY B 116 -2.92 -16.80 -5.77
C GLY B 116 -3.55 -15.72 -6.63
N GLY B 117 -4.83 -15.83 -7.00
CA GLY B 117 -5.53 -14.74 -7.70
C GLY B 117 -5.65 -13.52 -6.80
N GLY B 118 -5.95 -13.70 -5.51
CA GLY B 118 -5.92 -12.60 -4.54
C GLY B 118 -4.55 -11.94 -4.47
N THR B 119 -3.48 -12.73 -4.46
CA THR B 119 -2.11 -12.20 -4.35
C THR B 119 -1.81 -11.39 -5.61
N ALA B 120 -2.18 -11.91 -6.78
CA ALA B 120 -1.90 -11.27 -8.08
C ALA B 120 -2.59 -9.91 -8.07
N VAL B 121 -3.82 -9.86 -7.58
CA VAL B 121 -4.55 -8.58 -7.55
C VAL B 121 -3.89 -7.62 -6.55
N ARG B 122 -3.52 -8.08 -5.36
CA ARG B 122 -2.96 -7.20 -4.30
C ARG B 122 -1.67 -6.59 -4.85
N PHE B 123 -0.89 -7.41 -5.54
CA PHE B 123 0.36 -7.01 -6.22
C PHE B 123 0.09 -5.95 -7.31
N ALA B 124 -0.92 -6.17 -8.17
CA ALA B 124 -1.29 -5.28 -9.29
C ALA B 124 -1.79 -3.93 -8.77
N LEU B 125 -2.40 -3.94 -7.57
CA LEU B 125 -2.90 -2.69 -6.95
C LEU B 125 -1.75 -1.89 -6.29
N ASP B 126 -0.89 -2.57 -5.53
CA ASP B 126 0.18 -1.95 -4.71
C ASP B 126 1.35 -1.51 -5.59
N TYR B 127 1.65 -2.27 -6.64
CA TYR B 127 2.81 -2.05 -7.54
C TYR B 127 2.30 -2.02 -8.98
N PRO B 128 1.49 -1.01 -9.35
CA PRO B 128 0.74 -1.02 -10.60
C PRO B 128 1.64 -1.12 -11.84
N ALA B 129 2.85 -0.56 -11.79
CA ALA B 129 3.75 -0.55 -12.97
C ALA B 129 4.42 -1.92 -13.16
N ARG B 130 4.32 -2.85 -12.21
CA ARG B 130 5.03 -4.16 -12.29
C ARG B 130 4.11 -5.29 -12.76
N ALA B 131 2.79 -5.06 -12.84
CA ALA B 131 1.83 -6.09 -13.26
C ALA B 131 1.31 -5.75 -14.65
N GLY B 132 1.35 -6.72 -15.54
CA GLY B 132 0.68 -6.65 -16.83
C GLY B 132 -0.70 -7.27 -16.78
N ARG B 133 -1.13 -7.87 -17.88
CA ARG B 133 -2.43 -8.62 -17.97
C ARG B 133 -2.54 -9.64 -16.84
N LEU B 134 -3.73 -9.77 -16.26
CA LEU B 134 -4.02 -10.76 -15.21
C LEU B 134 -4.98 -11.82 -15.75
N VAL B 135 -4.69 -13.08 -15.43
CA VAL B 135 -5.60 -14.24 -15.60
C VAL B 135 -5.89 -14.77 -14.21
N LEU B 136 -7.16 -14.71 -13.80
CA LEU B 136 -7.57 -15.00 -12.41
C LEU B 136 -8.64 -16.10 -12.43
N MET B 137 -8.34 -17.24 -11.84
CA MET B 137 -9.23 -18.43 -11.88
C MET B 137 -9.86 -18.65 -10.51
N GLY B 138 -11.20 -18.59 -10.42
CA GLY B 138 -11.88 -18.69 -9.12
C GLY B 138 -11.16 -17.90 -8.03
N PRO B 139 -10.83 -16.62 -8.28
CA PRO B 139 -9.93 -15.88 -7.41
C PRO B 139 -10.59 -15.54 -6.07
N GLY B 140 -9.79 -15.58 -5.02
CA GLY B 140 -10.07 -14.97 -3.71
C GLY B 140 -9.84 -13.47 -3.76
N GLY B 141 -10.20 -12.80 -2.68
CA GLY B 141 -9.94 -11.35 -2.52
C GLY B 141 -10.87 -10.49 -3.35
N LEU B 142 -10.82 -10.53 -4.68
CA LEU B 142 -11.68 -9.63 -5.48
C LEU B 142 -13.07 -10.25 -5.65
N SER B 143 -13.29 -11.49 -5.19
CA SER B 143 -14.60 -12.18 -5.20
C SER B 143 -15.40 -11.73 -3.98
N ILE B 144 -16.69 -11.52 -4.17
CA ILE B 144 -17.64 -11.28 -3.05
C ILE B 144 -18.92 -12.01 -3.46
N ASN B 145 -19.29 -13.02 -2.69
CA ASN B 145 -20.38 -13.97 -3.01
C ASN B 145 -21.71 -13.27 -2.74
N LEU B 146 -22.30 -12.60 -3.72
CA LEU B 146 -23.51 -11.78 -3.44
C LEU B 146 -24.72 -12.62 -3.04
N PHE B 147 -24.78 -13.89 -3.44
CA PHE B 147 -25.93 -14.77 -3.17
C PHE B 147 -25.56 -15.85 -2.15
N ALA B 148 -24.38 -16.44 -2.29
CA ALA B 148 -23.97 -17.58 -1.44
C ALA B 148 -23.66 -17.10 -0.02
N PRO B 149 -24.37 -17.67 0.99
CA PRO B 149 -24.03 -17.46 2.39
C PRO B 149 -22.58 -17.87 2.70
N ASP B 150 -21.87 -17.03 3.44
CA ASP B 150 -20.46 -17.27 3.83
C ASP B 150 -20.45 -17.72 5.29
N PRO B 151 -19.58 -18.65 5.70
CA PRO B 151 -18.67 -19.34 4.78
C PRO B 151 -19.40 -20.32 3.85
N THR B 152 -18.87 -20.50 2.64
CA THR B 152 -19.34 -21.49 1.67
C THR B 152 -19.00 -22.93 2.13
N GLU B 153 -19.68 -23.88 1.53
CA GLU B 153 -19.52 -25.34 1.80
C GLU B 153 -18.02 -25.62 1.66
N GLY B 154 -17.38 -25.07 0.63
CA GLY B 154 -15.94 -25.27 0.39
C GLY B 154 -15.07 -24.72 1.51
N VAL B 155 -15.32 -23.49 1.93
CA VAL B 155 -14.54 -22.83 3.02
C VAL B 155 -14.77 -23.60 4.33
N LYS B 156 -15.99 -24.04 4.62
CA LYS B 156 -16.31 -24.79 5.87
C LYS B 156 -15.51 -26.10 5.93
N ARG B 157 -15.38 -26.82 4.83
CA ARG B 157 -14.60 -28.11 4.80
C ARG B 157 -13.10 -27.82 4.99
N LEU B 158 -12.62 -26.69 4.48
CA LEU B 158 -11.22 -26.25 4.70
C LEU B 158 -11.00 -25.98 6.19
N SER B 159 -11.91 -25.22 6.81
CA SER B 159 -11.82 -24.92 8.27
C SER B 159 -11.86 -26.20 9.10
N LYS B 160 -12.72 -27.16 8.74
CA LYS B 160 -12.89 -28.45 9.46
C LYS B 160 -11.55 -29.20 9.44
N PHE B 161 -10.87 -29.24 8.28
CA PHE B 161 -9.53 -29.87 8.18
C PHE B 161 -8.58 -29.16 9.13
N SER B 162 -8.60 -27.81 9.13
CA SER B 162 -7.65 -26.99 9.91
C SER B 162 -7.76 -27.32 11.41
N VAL B 163 -8.96 -27.68 11.91
CA VAL B 163 -9.19 -27.97 13.35
C VAL B 163 -8.94 -29.47 13.62
N ALA B 164 -9.24 -30.34 12.66
CA ALA B 164 -9.11 -31.81 12.76
C ALA B 164 -8.40 -32.32 11.50
N PRO B 165 -7.06 -32.14 11.44
CA PRO B 165 -6.32 -32.41 10.20
C PRO B 165 -6.13 -33.91 9.95
N THR B 166 -7.21 -34.58 9.58
CA THR B 166 -7.26 -36.03 9.30
C THR B 166 -7.30 -36.25 7.79
N ARG B 167 -7.02 -37.48 7.36
CA ARG B 167 -7.07 -37.89 5.93
C ARG B 167 -8.50 -37.73 5.40
N GLU B 168 -9.50 -38.12 6.20
CA GLU B 168 -10.94 -38.11 5.83
C GLU B 168 -11.43 -36.67 5.62
N ASN B 169 -11.03 -35.72 6.48
CA ASN B 169 -11.42 -34.29 6.35
C ASN B 169 -10.72 -33.66 5.13
N LEU B 170 -9.50 -34.11 4.78
CA LEU B 170 -8.81 -33.58 3.59
C LEU B 170 -9.52 -34.09 2.34
N GLU B 171 -9.87 -35.38 2.33
CA GLU B 171 -10.59 -35.97 1.19
C GLU B 171 -11.90 -35.21 0.99
N ALA B 172 -12.62 -34.88 2.08
CA ALA B 172 -13.93 -34.21 2.01
C ALA B 172 -13.74 -32.80 1.41
N PHE B 173 -12.65 -32.11 1.76
CA PHE B 173 -12.37 -30.76 1.21
C PHE B 173 -12.00 -30.87 -0.27
N LEU B 174 -11.18 -31.86 -0.66
CA LEU B 174 -10.76 -32.01 -2.08
C LEU B 174 -11.97 -32.35 -2.98
N ARG B 175 -12.94 -33.11 -2.50
CA ARG B 175 -14.14 -33.49 -3.27
C ARG B 175 -15.03 -32.27 -3.60
N VAL B 176 -15.01 -31.19 -2.83
CA VAL B 176 -15.83 -29.99 -3.20
C VAL B 176 -14.98 -29.01 -4.03
N MET B 177 -13.81 -29.41 -4.50
CA MET B 177 -12.94 -28.57 -5.36
C MET B 177 -13.19 -28.84 -6.84
N VAL B 178 -13.82 -29.98 -7.14
CA VAL B 178 -13.94 -30.50 -8.53
C VAL B 178 -15.39 -30.92 -8.80
N TYR B 179 -15.76 -30.81 -10.06
CA TYR B 179 -17.07 -31.26 -10.57
C TYR B 179 -17.06 -32.79 -10.67
N ASP B 180 -16.00 -33.31 -11.29
CA ASP B 180 -15.78 -34.78 -11.45
C ASP B 180 -14.97 -35.29 -10.26
N LYS B 181 -15.66 -35.87 -9.29
CA LYS B 181 -15.08 -36.36 -8.01
C LYS B 181 -14.11 -37.52 -8.27
N ASN B 182 -14.05 -38.09 -9.48
CA ASN B 182 -13.10 -39.20 -9.79
C ASN B 182 -11.67 -38.64 -9.94
N LEU B 183 -11.50 -37.32 -10.05
CA LEU B 183 -10.14 -36.72 -10.04
C LEU B 183 -9.52 -36.86 -8.66
N ILE B 184 -10.33 -37.07 -7.61
CA ILE B 184 -9.85 -37.17 -6.21
C ILE B 184 -9.52 -38.64 -5.96
N THR B 185 -8.35 -39.05 -6.43
CA THR B 185 -7.84 -40.44 -6.36
C THR B 185 -7.20 -40.68 -4.99
N PRO B 186 -7.20 -41.94 -4.49
CA PRO B 186 -6.44 -42.29 -3.28
C PRO B 186 -5.01 -41.73 -3.29
N GLU B 187 -4.33 -41.77 -4.44
CA GLU B 187 -2.93 -41.30 -4.62
C GLU B 187 -2.85 -39.79 -4.36
N LEU B 188 -3.80 -39.04 -4.95
CA LEU B 188 -3.87 -37.57 -4.77
C LEU B 188 -4.06 -37.29 -3.28
N VAL B 189 -5.01 -37.99 -2.64
CA VAL B 189 -5.34 -37.76 -1.20
C VAL B 189 -4.09 -38.03 -0.37
N ASP B 190 -3.45 -39.16 -0.62
CA ASP B 190 -2.21 -39.62 0.08
C ASP B 190 -1.12 -38.54 -0.09
N GLN B 191 -0.86 -38.09 -1.33
CA GLN B 191 0.22 -37.12 -1.62
C GLN B 191 -0.07 -35.81 -0.87
N ARG B 192 -1.31 -35.30 -0.98
CA ARG B 192 -1.69 -33.99 -0.37
C ARG B 192 -1.67 -34.13 1.15
N PHE B 193 -2.19 -35.23 1.69
CA PHE B 193 -2.23 -35.44 3.16
C PHE B 193 -0.81 -35.44 3.73
N ALA B 194 0.11 -36.13 3.06
CA ALA B 194 1.53 -36.22 3.47
C ALA B 194 2.12 -34.80 3.60
N LEU B 195 1.88 -33.94 2.61
CA LEU B 195 2.43 -32.56 2.59
C LEU B 195 1.71 -31.68 3.61
N ALA B 196 0.39 -31.85 3.74
CA ALA B 196 -0.46 -30.94 4.54
C ALA B 196 -0.31 -31.20 6.04
N SER B 197 0.06 -32.42 6.45
CA SER B 197 0.05 -32.81 7.89
C SER B 197 1.44 -32.72 8.54
N THR B 198 2.48 -32.23 7.84
CA THR B 198 3.79 -31.91 8.49
C THR B 198 3.58 -30.80 9.53
N PRO B 199 4.33 -30.79 10.66
CA PRO B 199 4.15 -29.74 11.67
C PRO B 199 4.34 -28.32 11.09
N GLU B 200 5.28 -28.14 10.15
CA GLU B 200 5.61 -26.83 9.52
C GLU B 200 4.39 -26.36 8.70
N SER B 201 3.78 -27.27 7.93
CA SER B 201 2.61 -26.95 7.06
C SER B 201 1.40 -26.59 7.94
N LEU B 202 1.17 -27.35 9.02
CA LEU B 202 0.07 -27.05 9.97
C LEU B 202 0.31 -25.68 10.61
N THR B 203 1.56 -25.35 11.00
CA THR B 203 1.92 -24.01 11.54
C THR B 203 1.44 -22.95 10.53
N ALA B 204 1.80 -23.11 9.25
CA ALA B 204 1.45 -22.17 8.16
C ALA B 204 -0.07 -22.05 8.00
N THR B 205 -0.80 -23.17 8.05
CA THR B 205 -2.28 -23.17 7.87
C THR B 205 -2.92 -22.51 9.11
N ARG B 206 -2.40 -22.73 10.32
CA ARG B 206 -2.92 -22.08 11.55
C ARG B 206 -2.62 -20.56 11.50
N ALA B 207 -1.45 -20.15 10.97
CA ALA B 207 -1.07 -18.73 10.79
C ALA B 207 -1.97 -18.04 9.76
N MET B 208 -2.37 -18.78 8.70
CA MET B 208 -3.34 -18.34 7.67
C MET B 208 -4.70 -17.99 8.30
N GLY B 209 -5.20 -18.86 9.18
CA GLY B 209 -6.50 -18.68 9.89
C GLY B 209 -6.56 -17.35 10.64
N LYS B 210 -5.58 -17.11 11.52
CA LYS B 210 -5.47 -15.89 12.37
C LYS B 210 -5.41 -14.64 11.48
N SER B 211 -4.66 -14.67 10.37
CA SER B 211 -4.44 -13.49 9.49
C SER B 211 -5.74 -13.08 8.80
N PHE B 212 -6.62 -14.02 8.45
CA PHE B 212 -7.83 -13.75 7.63
C PHE B 212 -8.93 -13.15 8.53
N ALA B 213 -8.90 -13.41 9.84
CA ALA B 213 -9.84 -12.85 10.84
C ALA B 213 -9.13 -11.89 11.82
N GLY B 214 -7.93 -11.38 11.47
CA GLY B 214 -7.24 -10.30 12.20
C GLY B 214 -7.82 -8.95 11.82
N ALA B 215 -7.32 -7.87 12.41
CA ALA B 215 -7.80 -6.49 12.13
C ALA B 215 -7.27 -6.00 10.77
N ASP B 216 -6.49 -6.82 10.04
CA ASP B 216 -5.92 -6.50 8.70
C ASP B 216 -6.86 -6.90 7.56
N PHE B 217 -8.13 -7.18 7.85
CA PHE B 217 -9.06 -7.86 6.92
C PHE B 217 -9.37 -6.96 5.71
N GLU B 218 -9.40 -5.63 5.86
CA GLU B 218 -9.81 -4.68 4.78
C GLU B 218 -8.94 -4.88 3.53
N ALA B 219 -7.64 -5.15 3.67
CA ALA B 219 -6.72 -5.34 2.53
C ALA B 219 -7.11 -6.58 1.73
N GLY B 220 -7.88 -7.49 2.33
CA GLY B 220 -8.42 -8.70 1.69
C GLY B 220 -9.65 -8.40 0.84
N MET B 221 -10.31 -7.24 1.04
CA MET B 221 -11.63 -6.97 0.40
C MET B 221 -11.37 -6.24 -0.91
N MET B 222 -10.71 -6.93 -1.85
CA MET B 222 -10.21 -6.25 -3.05
C MET B 222 -11.31 -5.98 -4.07
N TRP B 223 -12.51 -6.53 -3.87
CA TRP B 223 -13.69 -6.15 -4.68
C TRP B 223 -13.94 -4.63 -4.56
N ARG B 224 -13.49 -4.02 -3.47
CA ARG B 224 -13.62 -2.56 -3.18
C ARG B 224 -12.66 -1.75 -4.04
N GLU B 225 -11.65 -2.37 -4.66
CA GLU B 225 -10.49 -1.60 -5.15
C GLU B 225 -10.22 -1.87 -6.63
N VAL B 226 -10.78 -2.92 -7.20
CA VAL B 226 -10.31 -3.36 -8.56
C VAL B 226 -10.77 -2.40 -9.67
N TYR B 227 -11.71 -1.48 -9.44
CA TYR B 227 -11.99 -0.37 -10.37
C TYR B 227 -10.68 0.34 -10.74
N ARG B 228 -9.65 0.25 -9.91
CA ARG B 228 -8.35 0.93 -10.20
C ARG B 228 -7.53 0.17 -11.24
N LEU B 229 -7.83 -1.09 -11.52
CA LEU B 229 -6.95 -1.88 -12.45
C LEU B 229 -7.12 -1.33 -13.87
N ARG B 230 -6.00 -1.09 -14.57
CA ARG B 230 -5.99 -0.42 -15.89
C ARG B 230 -5.71 -1.45 -17.00
N GLN B 231 -5.22 -2.61 -16.63
CA GLN B 231 -4.82 -3.68 -17.60
C GLN B 231 -6.04 -4.53 -17.94
N PRO B 232 -6.00 -5.23 -19.08
CA PRO B 232 -6.94 -6.33 -19.34
C PRO B 232 -6.82 -7.43 -18.28
N VAL B 233 -7.97 -7.88 -17.81
CA VAL B 233 -8.11 -8.93 -16.77
C VAL B 233 -9.08 -9.99 -17.29
N LEU B 234 -8.62 -11.23 -17.38
CA LEU B 234 -9.47 -12.38 -17.76
C LEU B 234 -9.84 -13.15 -16.50
N LEU B 235 -11.09 -12.99 -16.06
CA LEU B 235 -11.69 -13.83 -15.00
C LEU B 235 -12.15 -15.14 -15.61
N ILE B 236 -11.75 -16.25 -14.98
CA ILE B 236 -12.12 -17.62 -15.39
C ILE B 236 -12.74 -18.34 -14.20
N TRP B 237 -13.94 -18.87 -14.41
CA TRP B 237 -14.74 -19.55 -13.35
C TRP B 237 -15.25 -20.88 -13.86
N GLY B 238 -15.25 -21.87 -12.95
CA GLY B 238 -16.07 -23.08 -13.04
C GLY B 238 -17.47 -22.76 -12.57
N ARG B 239 -18.46 -23.06 -13.40
CA ARG B 239 -19.87 -22.83 -13.01
C ARG B 239 -20.16 -23.50 -11.68
N GLU B 240 -19.57 -24.69 -11.44
CA GLU B 240 -19.87 -25.51 -10.24
C GLU B 240 -18.86 -25.26 -9.09
N ASP B 241 -18.13 -24.16 -9.14
CA ASP B 241 -17.18 -23.81 -8.05
C ASP B 241 -17.97 -23.74 -6.73
N ARG B 242 -17.62 -24.57 -5.76
CA ARG B 242 -18.29 -24.61 -4.43
C ARG B 242 -17.43 -23.91 -3.36
N VAL B 243 -16.26 -23.38 -3.71
CA VAL B 243 -15.38 -22.66 -2.74
C VAL B 243 -15.61 -21.15 -2.88
N ASN B 244 -15.34 -20.63 -4.06
CA ASN B 244 -15.60 -19.25 -4.53
C ASN B 244 -16.62 -19.31 -5.66
N PRO B 245 -17.92 -19.35 -5.37
CA PRO B 245 -18.92 -19.61 -6.39
C PRO B 245 -19.06 -18.43 -7.37
N LEU B 246 -19.69 -18.72 -8.49
CA LEU B 246 -19.76 -17.85 -9.68
C LEU B 246 -20.34 -16.48 -9.33
N ASP B 247 -21.29 -16.38 -8.38
CA ASP B 247 -21.83 -15.05 -8.01
C ASP B 247 -20.71 -14.10 -7.51
N GLY B 248 -19.56 -14.61 -7.08
CA GLY B 248 -18.40 -13.81 -6.65
C GLY B 248 -17.70 -13.10 -7.79
N ALA B 249 -18.01 -13.41 -9.06
CA ALA B 249 -17.39 -12.77 -10.24
C ALA B 249 -17.97 -11.36 -10.52
N LEU B 250 -19.18 -11.07 -10.06
CA LEU B 250 -20.00 -9.98 -10.62
C LEU B 250 -19.40 -8.61 -10.30
N VAL B 251 -18.94 -8.31 -9.08
CA VAL B 251 -18.41 -6.95 -8.80
C VAL B 251 -17.15 -6.66 -9.63
N ALA B 252 -16.27 -7.62 -9.71
CA ALA B 252 -15.03 -7.48 -10.51
C ALA B 252 -15.38 -7.32 -12.00
N LEU B 253 -16.32 -8.10 -12.55
CA LEU B 253 -16.66 -8.00 -13.98
C LEU B 253 -17.21 -6.60 -14.27
N LYS B 254 -18.05 -6.08 -13.38
CA LYS B 254 -18.69 -4.76 -13.51
C LYS B 254 -17.63 -3.64 -13.40
N THR B 255 -16.68 -3.71 -12.46
CA THR B 255 -15.89 -2.52 -12.06
C THR B 255 -14.52 -2.50 -12.74
N ILE B 256 -13.99 -3.63 -13.22
CA ILE B 256 -12.68 -3.60 -13.93
C ILE B 256 -12.94 -3.16 -15.36
N PRO B 257 -12.44 -1.96 -15.79
CA PRO B 257 -12.74 -1.46 -17.14
C PRO B 257 -12.51 -2.48 -18.27
N ARG B 258 -11.33 -3.09 -18.34
CA ARG B 258 -10.98 -4.01 -19.45
C ARG B 258 -11.14 -5.48 -19.01
N ALA B 259 -12.14 -5.77 -18.19
CA ALA B 259 -12.40 -7.16 -17.77
C ALA B 259 -13.01 -7.97 -18.91
N GLN B 260 -12.73 -9.27 -18.84
CA GLN B 260 -13.45 -10.34 -19.56
C GLN B 260 -13.76 -11.44 -18.54
N LEU B 261 -14.84 -12.17 -18.78
CA LEU B 261 -15.19 -13.36 -17.97
C LEU B 261 -15.38 -14.55 -18.89
N HIS B 262 -14.82 -15.69 -18.52
CA HIS B 262 -15.10 -16.99 -19.16
C HIS B 262 -15.58 -17.98 -18.09
N VAL B 263 -16.77 -18.54 -18.28
CA VAL B 263 -17.32 -19.58 -17.38
C VAL B 263 -17.40 -20.90 -18.14
N PHE B 264 -16.83 -21.94 -17.52
CA PHE B 264 -16.94 -23.34 -17.99
C PHE B 264 -18.04 -24.05 -17.21
N GLY B 265 -19.09 -24.50 -17.91
CA GLY B 265 -19.99 -25.54 -17.41
C GLY B 265 -19.26 -26.84 -17.12
N GLN B 266 -19.72 -27.59 -16.14
CA GLN B 266 -19.16 -28.92 -15.77
C GLN B 266 -17.71 -28.78 -15.31
N CYS B 267 -17.47 -27.87 -14.38
CA CYS B 267 -16.12 -27.50 -13.91
C CYS B 267 -16.26 -26.89 -12.52
N GLY B 268 -15.49 -27.35 -11.56
CA GLY B 268 -15.46 -26.76 -10.21
C GLY B 268 -14.34 -25.74 -10.05
N HIS B 269 -13.74 -25.73 -8.87
CA HIS B 269 -12.78 -24.71 -8.42
C HIS B 269 -11.42 -24.87 -9.10
N TRP B 270 -11.09 -26.05 -9.61
CA TRP B 270 -9.75 -26.30 -10.22
C TRP B 270 -9.82 -26.23 -11.74
N VAL B 271 -10.04 -25.03 -12.28
CA VAL B 271 -10.28 -24.82 -13.72
C VAL B 271 -9.07 -25.37 -14.48
N GLN B 272 -7.88 -25.09 -13.96
CA GLN B 272 -6.59 -25.38 -14.64
C GLN B 272 -6.37 -26.90 -14.71
N VAL B 273 -7.04 -27.70 -13.86
CA VAL B 273 -7.03 -29.19 -13.94
C VAL B 273 -8.25 -29.70 -14.73
N GLU B 274 -9.48 -29.33 -14.37
CA GLU B 274 -10.71 -29.94 -14.93
C GLU B 274 -10.95 -29.51 -16.37
N LYS B 275 -10.48 -28.31 -16.76
CA LYS B 275 -10.57 -27.78 -18.14
C LYS B 275 -9.16 -27.41 -18.63
N PHE B 276 -8.17 -28.25 -18.38
CA PHE B 276 -6.74 -27.87 -18.55
C PHE B 276 -6.48 -27.40 -19.99
N ASP B 277 -7.02 -28.10 -20.99
CA ASP B 277 -6.73 -27.76 -22.41
C ASP B 277 -7.33 -26.40 -22.79
N GLU B 278 -8.61 -26.19 -22.46
CA GLU B 278 -9.32 -24.94 -22.76
C GLU B 278 -8.68 -23.79 -21.97
N PHE B 279 -8.31 -24.05 -20.72
CA PHE B 279 -7.63 -23.07 -19.85
C PHE B 279 -6.29 -22.66 -20.48
N ASN B 280 -5.47 -23.63 -20.86
CA ASN B 280 -4.13 -23.35 -21.47
C ASN B 280 -4.32 -22.46 -22.69
N LYS B 281 -5.28 -22.81 -23.56
CA LYS B 281 -5.52 -22.12 -24.84
C LYS B 281 -5.99 -20.70 -24.60
N LEU B 282 -6.95 -20.49 -23.68
CA LEU B 282 -7.40 -19.14 -23.31
C LEU B 282 -6.25 -18.27 -22.82
N THR B 283 -5.42 -18.81 -21.92
CA THR B 283 -4.32 -18.07 -21.25
C THR B 283 -3.28 -17.68 -22.30
N ILE B 284 -2.93 -18.63 -23.16
CA ILE B 284 -1.95 -18.37 -24.26
C ILE B 284 -2.47 -17.26 -25.17
N GLU B 285 -3.72 -17.29 -25.61
CA GLU B 285 -4.29 -16.27 -26.52
C GLU B 285 -4.38 -14.93 -25.78
N PHE B 286 -4.89 -14.93 -24.56
CA PHE B 286 -5.14 -13.64 -23.84
C PHE B 286 -3.82 -12.92 -23.58
N LEU B 287 -2.76 -13.67 -23.27
CA LEU B 287 -1.44 -13.09 -22.92
C LEU B 287 -0.62 -12.83 -24.18
N GLY B 288 -1.17 -13.08 -25.36
CA GLY B 288 -0.65 -12.56 -26.65
C GLY B 288 0.10 -13.61 -27.45
N GLY B 289 -0.07 -14.90 -27.13
CA GLY B 289 0.45 -16.02 -27.95
C GLY B 289 1.93 -16.29 -27.69
N GLY B 290 2.65 -15.33 -27.08
CA GLY B 290 4.05 -15.44 -26.66
C GLY B 290 5.02 -15.28 -27.82
#